data_3IP7
#
_entry.id   3IP7
#
_cell.length_a   116.640
_cell.length_b   39.120
_cell.length_c   70.720
_cell.angle_alpha   90.00
_cell.angle_beta   94.38
_cell.angle_gamma   90.00
#
_symmetry.space_group_name_H-M   'C 1 2 1'
#
loop_
_entity.id
_entity.type
_entity.pdbx_description
1 polymer 'ABC transporter, substrate binding protein (Amino acid)'
2 non-polymer VALINE
3 non-polymer 'CALCIUM ION'
4 water water
#
_entity_poly.entity_id   1
_entity_poly.type   'polypeptide(L)'
_entity_poly.pdbx_seq_one_letter_code
;MDVVIAVGAPLTGPNAAFGAQIQKGAEQAAKDINAAGGINGEQIKIVLGDDVSDPKQGISVANKFVADGVKFVVGHFNSG
VSIPASEVYAENGILEITPAATNPVFTERGLWNTFRTCGRDDQQGGIAGKYLADHFKDAKVAIIHDKTPYGQGLADETKK
AANAAGVTEVMYEGVNVGDKDFSALISKMKEAGVSIIYWGGLHTEAGLIIRQAADQGLKAKLVSGDGIVSNELASIAGDA
VEGTLNTFGPDPTLRPENKELVEKFKAAGFNPEAYTLYSYAAMQAIAGAAKAAGSVEPEKVAEALKKGSFPTALGEISFD
EKGDPKLPGYVMYEWKKGPDGKFTYIQQGSHHHHHH
;
_entity_poly.pdbx_strand_id   A
#
loop_
_chem_comp.id
_chem_comp.type
_chem_comp.name
_chem_comp.formula
CA non-polymer 'CALCIUM ION' 'Ca 2'
#
# COMPACT_ATOMS: atom_id res chain seq x y z
N MET A 1 28.34 -12.74 -7.97
CA MET A 1 27.65 -12.28 -9.16
C MET A 1 26.82 -11.04 -8.85
N ASP A 2 25.96 -10.69 -9.79
CA ASP A 2 24.99 -9.63 -9.58
C ASP A 2 24.11 -9.99 -8.38
N VAL A 3 23.48 -9.00 -7.78
CA VAL A 3 22.50 -9.25 -6.74
C VAL A 3 21.14 -9.32 -7.43
N VAL A 4 20.52 -10.50 -7.42
CA VAL A 4 19.22 -10.64 -8.06
C VAL A 4 18.08 -10.21 -7.14
N ILE A 5 17.34 -9.20 -7.61
CA ILE A 5 16.25 -8.64 -6.83
C ILE A 5 14.97 -8.68 -7.66
N ALA A 6 13.92 -9.28 -7.11
CA ALA A 6 12.65 -9.45 -7.82
C ALA A 6 11.64 -8.38 -7.44
N VAL A 7 10.75 -8.06 -8.38
CA VAL A 7 9.59 -7.23 -8.08
C VAL A 7 8.41 -8.16 -8.19
N GLY A 8 7.72 -8.36 -7.07
CA GLY A 8 6.51 -9.15 -7.06
C GLY A 8 5.34 -8.22 -6.85
N ALA A 9 4.53 -8.09 -7.89
CA ALA A 9 3.45 -7.10 -7.85
C ALA A 9 2.36 -7.46 -8.83
N PRO A 10 1.21 -6.77 -8.70
CA PRO A 10 0.11 -6.86 -9.67
C PRO A 10 0.44 -6.05 -10.93
N LEU A 11 1.14 -6.64 -11.88
CA LEU A 11 1.54 -5.90 -13.06
C LEU A 11 0.39 -5.83 -14.08
N THR A 12 -0.55 -6.75 -13.93
CA THR A 12 -1.83 -6.67 -14.63
C THR A 12 -3.00 -6.83 -13.68
N GLY A 13 -4.20 -6.68 -14.22
CA GLY A 13 -5.40 -6.76 -13.42
C GLY A 13 -5.87 -5.38 -12.96
N PRO A 14 -6.85 -5.37 -12.06
CA PRO A 14 -7.47 -4.14 -11.55
C PRO A 14 -6.43 -3.21 -10.92
N ASN A 15 -5.36 -3.81 -10.38
CA ASN A 15 -4.38 -3.03 -9.66
C ASN A 15 -3.08 -2.76 -10.41
N ALA A 16 -3.12 -2.90 -11.74
CA ALA A 16 -1.97 -2.68 -12.60
C ALA A 16 -1.27 -1.35 -12.37
N ALA A 17 -2.02 -0.27 -12.20
CA ALA A 17 -1.40 1.04 -11.95
C ALA A 17 -0.52 1.06 -10.68
N PHE A 18 -0.99 0.38 -9.64
CA PHE A 18 -0.20 0.17 -8.43
C PHE A 18 1.04 -0.68 -8.74
N GLY A 19 0.82 -1.76 -9.48
CA GLY A 19 1.90 -2.63 -9.89
C GLY A 19 2.97 -1.86 -10.63
N ALA A 20 2.54 -0.90 -11.46
CA ALA A 20 3.48 -0.03 -12.16
C ALA A 20 4.21 0.95 -11.23
N GLN A 21 3.52 1.50 -10.23
CA GLN A 21 4.20 2.32 -9.22
C GLN A 21 5.39 1.53 -8.65
N ILE A 22 5.14 0.29 -8.27
CA ILE A 22 6.16 -0.51 -7.59
C ILE A 22 7.30 -0.89 -8.52
N GLN A 23 6.93 -1.32 -9.72
CA GLN A 23 7.94 -1.68 -10.71
C GLN A 23 8.83 -0.49 -11.05
N LYS A 24 8.23 0.63 -11.42
CA LYS A 24 9.00 1.82 -11.82
C LYS A 24 9.90 2.33 -10.71
N GLY A 25 9.39 2.29 -9.48
CA GLY A 25 10.12 2.81 -8.33
C GLY A 25 11.30 1.90 -8.05
N ALA A 26 11.09 0.59 -8.20
CA ALA A 26 12.15 -0.39 -7.96
C ALA A 26 13.19 -0.39 -9.08
N GLU A 27 12.75 -0.17 -10.32
CA GLU A 27 13.69 -0.17 -11.45
C GLU A 27 14.56 1.07 -11.41
N GLN A 28 13.96 2.22 -11.07
CA GLN A 28 14.74 3.44 -10.96
C GLN A 28 15.78 3.37 -9.85
N ALA A 29 15.47 2.72 -8.74
CA ALA A 29 16.42 2.64 -7.64
C ALA A 29 17.59 1.75 -8.00
N ALA A 30 17.30 0.66 -8.69
CA ALA A 30 18.35 -0.26 -9.11
C ALA A 30 19.25 0.49 -10.08
N LYS A 31 18.63 1.21 -11.02
CA LYS A 31 19.38 2.00 -11.98
C LYS A 31 20.31 2.97 -11.27
N ASP A 32 19.77 3.73 -10.31
CA ASP A 32 20.56 4.72 -9.57
C ASP A 32 21.68 4.08 -8.71
N ILE A 33 21.33 3.08 -7.91
CA ILE A 33 22.32 2.36 -7.11
C ILE A 33 23.43 1.75 -7.96
N ASN A 34 23.07 1.10 -9.07
CA ASN A 34 24.08 0.49 -9.95
C ASN A 34 25.10 1.48 -10.51
N ALA A 35 24.59 2.59 -11.04
CA ALA A 35 25.46 3.64 -11.54
C ALA A 35 26.33 4.16 -10.42
N ALA A 36 25.97 3.89 -9.18
CA ALA A 36 26.75 4.34 -8.03
C ALA A 36 27.75 3.28 -7.55
N GLY A 37 27.79 2.14 -8.24
CA GLY A 37 28.70 1.09 -7.85
C GLY A 37 28.02 -0.16 -7.31
N GLY A 38 26.68 -0.16 -7.32
CA GLY A 38 25.94 -1.35 -6.97
C GLY A 38 25.88 -1.60 -5.49
N ILE A 39 25.54 -2.82 -5.12
CA ILE A 39 25.53 -3.22 -3.72
C ILE A 39 26.84 -3.94 -3.37
N ASN A 40 27.62 -3.36 -2.47
CA ASN A 40 28.90 -3.96 -2.11
C ASN A 40 29.65 -4.42 -3.36
N GLY A 41 29.86 -3.50 -4.30
CA GLY A 41 30.60 -3.79 -5.52
C GLY A 41 29.90 -4.67 -6.56
N GLU A 42 28.63 -5.02 -6.32
CA GLU A 42 27.90 -5.86 -7.26
C GLU A 42 26.67 -5.16 -7.88
N GLN A 43 26.40 -5.49 -9.14
CA GLN A 43 25.29 -4.92 -9.90
C GLN A 43 24.00 -5.61 -9.53
N ILE A 44 22.90 -4.87 -9.57
CA ILE A 44 21.59 -5.41 -9.24
C ILE A 44 20.93 -5.87 -10.53
N LYS A 45 20.39 -7.08 -10.52
CA LYS A 45 19.64 -7.56 -11.67
C LYS A 45 18.16 -7.70 -11.29
N ILE A 46 17.30 -6.88 -11.89
CA ILE A 46 15.86 -6.95 -11.60
C ILE A 46 15.16 -8.06 -12.40
N VAL A 47 14.37 -8.88 -11.70
CA VAL A 47 13.41 -9.76 -12.38
C VAL A 47 11.99 -9.38 -11.98
N LEU A 48 11.02 -9.66 -12.85
CA LEU A 48 9.64 -9.24 -12.60
C LEU A 48 8.76 -10.47 -12.49
N GLY A 49 7.79 -10.40 -11.58
CA GLY A 49 6.79 -11.45 -11.43
C GLY A 49 5.41 -10.86 -11.16
N ASP A 50 4.45 -11.17 -12.02
CA ASP A 50 3.11 -10.59 -11.95
C ASP A 50 2.13 -11.49 -11.16
N ASP A 51 1.71 -11.07 -9.97
CA ASP A 51 0.81 -11.89 -9.15
C ASP A 51 -0.69 -11.68 -9.42
N VAL A 52 -0.99 -10.78 -10.34
CA VAL A 52 -2.36 -10.44 -10.70
C VAL A 52 -3.29 -10.28 -9.49
N SER A 53 -2.73 -9.86 -8.35
CA SER A 53 -3.49 -9.67 -7.12
C SER A 53 -4.18 -10.96 -6.63
N ASP A 54 -3.66 -12.09 -7.07
CA ASP A 54 -4.21 -13.39 -6.72
C ASP A 54 -3.22 -14.22 -5.92
N PRO A 55 -3.61 -14.62 -4.70
CA PRO A 55 -2.74 -15.42 -3.84
C PRO A 55 -2.11 -16.64 -4.53
N LYS A 56 -2.91 -17.45 -5.22
CA LYS A 56 -2.42 -18.68 -5.85
C LYS A 56 -1.40 -18.37 -6.94
N GLN A 57 -1.67 -17.29 -7.67
CA GLN A 57 -0.77 -16.80 -8.69
C GLN A 57 0.50 -16.26 -8.03
N GLY A 58 0.36 -15.64 -6.87
CA GLY A 58 1.49 -15.10 -6.14
C GLY A 58 2.41 -16.20 -5.64
N ILE A 59 1.81 -17.30 -5.18
CA ILE A 59 2.60 -18.46 -4.76
C ILE A 59 3.44 -19.01 -5.93
N SER A 60 2.81 -19.17 -7.08
CA SER A 60 3.53 -19.59 -8.29
C SER A 60 4.66 -18.62 -8.64
N VAL A 61 4.39 -17.33 -8.50
CA VAL A 61 5.42 -16.32 -8.75
C VAL A 61 6.60 -16.49 -7.79
N ALA A 62 6.29 -16.77 -6.53
CA ALA A 62 7.30 -16.84 -5.48
C ALA A 62 8.19 -18.04 -5.73
N ASN A 63 7.58 -19.17 -6.10
CA ASN A 63 8.35 -20.36 -6.38
C ASN A 63 9.27 -20.13 -7.59
N LYS A 64 8.80 -19.37 -8.57
CA LYS A 64 9.63 -19.05 -9.71
C LYS A 64 10.85 -18.24 -9.30
N PHE A 65 10.63 -17.20 -8.51
CA PHE A 65 11.74 -16.41 -8.01
C PHE A 65 12.76 -17.33 -7.36
N VAL A 66 12.32 -18.14 -6.39
CA VAL A 66 13.21 -19.09 -5.72
C VAL A 66 14.08 -19.81 -6.75
N ALA A 67 13.45 -20.32 -7.80
CA ALA A 67 14.13 -21.04 -8.86
C ALA A 67 15.12 -20.20 -9.68
N ASP A 68 14.81 -18.92 -9.89
CA ASP A 68 15.69 -18.09 -10.72
C ASP A 68 16.83 -17.50 -9.91
N GLY A 69 16.95 -17.93 -8.64
CA GLY A 69 18.04 -17.49 -7.79
C GLY A 69 17.84 -16.10 -7.22
N VAL A 70 16.58 -15.70 -7.14
CA VAL A 70 16.26 -14.42 -6.53
C VAL A 70 16.69 -14.42 -5.07
N LYS A 71 17.20 -13.30 -4.61
CA LYS A 71 17.64 -13.21 -3.23
C LYS A 71 16.85 -12.22 -2.39
N PHE A 72 16.23 -11.25 -3.07
CA PHE A 72 15.46 -10.19 -2.43
C PHE A 72 14.22 -9.91 -3.27
N VAL A 73 13.10 -9.71 -2.61
CA VAL A 73 11.85 -9.40 -3.31
C VAL A 73 11.31 -8.08 -2.77
N VAL A 74 11.13 -7.09 -3.64
CA VAL A 74 10.37 -5.91 -3.27
C VAL A 74 8.93 -6.21 -3.69
N GLY A 75 8.02 -6.29 -2.71
CA GLY A 75 6.65 -6.70 -2.94
C GLY A 75 6.18 -7.48 -1.73
N HIS A 76 4.95 -7.96 -1.77
CA HIS A 76 4.09 -7.68 -2.90
C HIS A 76 3.22 -6.47 -2.56
N PHE A 77 2.14 -6.26 -3.31
CA PHE A 77 1.24 -5.15 -3.06
C PHE A 77 0.15 -5.56 -2.08
N ASN A 78 -0.61 -6.59 -2.41
CA ASN A 78 -1.74 -7.03 -1.59
C ASN A 78 -1.27 -7.84 -0.40
N SER A 79 -1.87 -7.57 0.75
CA SER A 79 -1.60 -8.37 1.94
C SER A 79 -1.87 -9.87 1.74
N GLY A 80 -2.96 -10.18 1.05
CA GLY A 80 -3.36 -11.56 0.87
C GLY A 80 -2.44 -12.33 -0.06
N VAL A 81 -1.66 -11.60 -0.87
CA VAL A 81 -0.62 -12.21 -1.69
C VAL A 81 0.70 -12.29 -0.93
N SER A 82 1.04 -11.20 -0.25
CA SER A 82 2.31 -11.08 0.49
C SER A 82 2.47 -12.10 1.63
N ILE A 83 1.41 -12.28 2.41
CA ILE A 83 1.46 -13.20 3.54
C ILE A 83 1.84 -14.64 3.16
N PRO A 84 1.11 -15.28 2.20
CA PRO A 84 1.54 -16.62 1.79
C PRO A 84 2.87 -16.66 1.03
N ALA A 85 3.13 -15.68 0.16
CA ALA A 85 4.37 -15.68 -0.61
C ALA A 85 5.57 -15.56 0.33
N SER A 86 5.41 -14.82 1.41
CA SER A 86 6.49 -14.66 2.38
C SER A 86 6.91 -15.98 3.04
N GLU A 87 6.00 -16.93 3.16
CA GLU A 87 6.36 -18.23 3.72
C GLU A 87 7.30 -18.91 2.76
N VAL A 88 6.92 -18.91 1.50
CA VAL A 88 7.75 -19.48 0.46
C VAL A 88 9.13 -18.83 0.50
N TYR A 89 9.19 -17.52 0.71
CA TYR A 89 10.48 -16.83 0.74
C TYR A 89 11.25 -17.21 1.99
N ALA A 90 10.55 -17.19 3.13
CA ALA A 90 11.17 -17.49 4.42
C ALA A 90 11.90 -18.83 4.38
N GLU A 91 11.32 -19.79 3.67
CA GLU A 91 11.84 -21.16 3.64
C GLU A 91 13.00 -21.32 2.67
N ASN A 92 13.08 -20.42 1.69
CA ASN A 92 14.08 -20.56 0.64
C ASN A 92 15.07 -19.38 0.61
N GLY A 93 15.34 -18.82 1.79
CA GLY A 93 16.39 -17.84 1.98
C GLY A 93 16.27 -16.52 1.23
N ILE A 94 15.05 -15.98 1.17
CA ILE A 94 14.78 -14.79 0.39
C ILE A 94 14.15 -13.71 1.27
N LEU A 95 14.80 -12.54 1.33
CA LEU A 95 14.31 -11.42 2.13
C LEU A 95 13.22 -10.66 1.34
N GLU A 96 12.05 -10.48 1.96
CA GLU A 96 10.94 -9.77 1.31
C GLU A 96 10.69 -8.44 2.00
N ILE A 97 10.73 -7.36 1.24
CA ILE A 97 10.36 -6.07 1.78
C ILE A 97 9.21 -5.50 0.95
N THR A 98 8.03 -5.37 1.57
CA THR A 98 6.88 -4.83 0.87
C THR A 98 6.79 -3.32 0.96
N PRO A 99 6.48 -2.67 -0.18
CA PRO A 99 6.28 -1.22 -0.19
C PRO A 99 4.82 -0.84 0.13
N ALA A 100 3.97 -1.85 0.32
CA ALA A 100 2.53 -1.56 0.31
C ALA A 100 1.62 -2.46 1.14
N ALA A 101 2.02 -3.68 1.45
CA ALA A 101 1.13 -4.58 2.22
C ALA A 101 1.10 -4.11 3.66
N THR A 102 -0.10 -3.79 4.15
CA THR A 102 -0.27 -3.12 5.44
C THR A 102 -0.91 -4.02 6.51
N ASN A 103 -1.32 -5.23 6.16
CA ASN A 103 -1.97 -6.05 7.19
C ASN A 103 -0.99 -6.49 8.29
N PRO A 104 -1.33 -6.26 9.58
CA PRO A 104 -0.42 -6.62 10.69
C PRO A 104 0.15 -8.04 10.63
N VAL A 105 -0.65 -9.01 10.18
CA VAL A 105 -0.20 -10.42 10.15
C VAL A 105 1.12 -10.61 9.40
N PHE A 106 1.40 -9.73 8.44
CA PHE A 106 2.57 -9.90 7.59
C PHE A 106 3.83 -9.94 8.46
N THR A 107 3.92 -9.08 9.46
CA THR A 107 5.11 -9.03 10.31
C THR A 107 4.88 -9.55 11.73
N GLU A 108 3.76 -10.24 11.96
CA GLU A 108 3.43 -10.73 13.29
C GLU A 108 3.54 -12.26 13.41
N ARG A 109 4.31 -12.88 12.50
CA ARG A 109 4.42 -14.34 12.46
C ARG A 109 5.81 -14.82 12.83
N GLY A 110 6.67 -13.89 13.28
CA GLY A 110 8.01 -14.23 13.72
C GLY A 110 8.99 -14.63 12.62
N LEU A 111 8.61 -14.39 11.37
CA LEU A 111 9.48 -14.68 10.24
C LEU A 111 10.73 -13.78 10.22
N TRP A 112 11.87 -14.36 9.87
CA TRP A 112 13.12 -13.61 9.78
C TRP A 112 13.16 -12.61 8.62
N ASN A 113 12.33 -12.84 7.62
CA ASN A 113 12.56 -12.22 6.31
C ASN A 113 11.58 -11.13 5.92
N THR A 114 10.66 -10.80 6.82
CA THR A 114 9.54 -9.90 6.45
C THR A 114 9.75 -8.47 6.95
N PHE A 115 9.88 -7.53 6.01
CA PHE A 115 9.99 -6.11 6.29
C PHE A 115 8.98 -5.31 5.46
N ARG A 116 8.80 -4.04 5.84
CA ARG A 116 8.00 -3.09 5.05
C ARG A 116 8.63 -1.71 4.97
N THR A 117 8.22 -0.92 3.98
CA THR A 117 8.50 0.51 4.00
C THR A 117 7.21 1.29 4.27
N CYS A 118 6.12 0.56 4.43
CA CYS A 118 4.82 1.18 4.66
C CYS A 118 4.33 0.88 6.07
N GLY A 119 3.24 1.53 6.46
CA GLY A 119 2.67 1.31 7.78
C GLY A 119 1.85 0.04 7.90
N ARG A 120 1.16 -0.11 9.02
CA ARG A 120 0.34 -1.29 9.26
C ARG A 120 -1.06 -0.86 9.74
N ASP A 121 -2.02 -1.76 9.60
CA ASP A 121 -3.41 -1.34 9.70
C ASP A 121 -3.98 -1.11 11.10
N ASP A 122 -3.31 -1.62 12.12
CA ASP A 122 -3.65 -1.22 13.48
C ASP A 122 -3.36 0.28 13.63
N GLN A 123 -2.27 0.75 13.03
CA GLN A 123 -1.95 2.18 12.99
C GLN A 123 -3.01 2.91 12.16
N GLN A 124 -3.25 2.42 10.95
CA GLN A 124 -4.15 3.12 10.03
C GLN A 124 -5.60 3.18 10.52
N GLY A 125 -6.09 2.08 11.09
CA GLY A 125 -7.44 2.01 11.62
C GLY A 125 -7.57 2.84 12.87
N GLY A 126 -6.49 2.91 13.63
CA GLY A 126 -6.40 3.80 14.78
C GLY A 126 -6.78 5.19 14.32
N ILE A 127 -6.01 5.70 13.36
CA ILE A 127 -6.21 7.05 12.83
C ILE A 127 -7.63 7.29 12.34
N ALA A 128 -8.14 6.36 11.52
CA ALA A 128 -9.44 6.51 10.87
C ALA A 128 -10.57 6.43 11.89
N GLY A 129 -10.52 5.40 12.74
CA GLY A 129 -11.51 5.22 13.78
C GLY A 129 -11.65 6.47 14.62
N LYS A 130 -10.53 7.02 15.04
CA LYS A 130 -10.52 8.27 15.77
C LYS A 130 -11.11 9.41 14.96
N TYR A 131 -10.66 9.56 13.71
CA TYR A 131 -11.14 10.64 12.87
C TYR A 131 -12.67 10.59 12.74
N LEU A 132 -13.23 9.38 12.62
CA LEU A 132 -14.67 9.22 12.54
C LEU A 132 -15.31 9.76 13.81
N ALA A 133 -14.60 9.64 14.92
CA ALA A 133 -15.08 10.12 16.21
C ALA A 133 -14.88 11.62 16.34
N ASP A 134 -13.79 12.12 15.78
CA ASP A 134 -13.47 13.54 15.88
C ASP A 134 -14.27 14.42 14.92
N HIS A 135 -14.98 13.82 13.97
CA HIS A 135 -15.65 14.62 12.94
C HIS A 135 -17.03 14.15 12.48
N PHE A 136 -17.36 12.89 12.74
CA PHE A 136 -18.68 12.37 12.39
C PHE A 136 -19.33 11.70 13.60
N LYS A 137 -19.10 12.32 14.75
CA LYS A 137 -19.62 11.91 16.05
C LYS A 137 -21.03 11.28 16.02
N ASP A 138 -21.98 11.94 15.37
CA ASP A 138 -23.36 11.44 15.38
C ASP A 138 -23.84 10.91 14.04
N ALA A 139 -22.90 10.61 13.14
CA ALA A 139 -23.26 10.15 11.81
C ALA A 139 -23.68 8.69 11.84
N LYS A 140 -24.54 8.31 10.91
CA LYS A 140 -24.82 6.90 10.71
C LYS A 140 -23.75 6.33 9.78
N VAL A 141 -22.84 5.54 10.36
CA VAL A 141 -21.68 5.03 9.65
C VAL A 141 -21.93 3.61 9.21
N ALA A 142 -21.71 3.35 7.93
CA ALA A 142 -21.65 1.97 7.46
C ALA A 142 -20.17 1.61 7.36
N ILE A 143 -19.83 0.38 7.75
CA ILE A 143 -18.50 -0.19 7.48
C ILE A 143 -18.60 -1.32 6.45
N ILE A 144 -18.01 -1.09 5.28
CA ILE A 144 -18.06 -2.05 4.20
C ILE A 144 -16.64 -2.47 3.88
N HIS A 145 -16.46 -3.72 3.49
CA HIS A 145 -15.12 -4.26 3.23
C HIS A 145 -15.17 -5.27 2.09
N ASP A 146 -14.02 -5.53 1.47
CA ASP A 146 -13.97 -6.39 0.29
C ASP A 146 -13.64 -7.84 0.58
N LYS A 147 -13.81 -8.25 1.83
CA LYS A 147 -13.62 -9.66 2.23
C LYS A 147 -12.21 -10.18 1.96
N THR A 148 -11.25 -9.29 1.83
CA THR A 148 -9.86 -9.73 1.70
C THR A 148 -9.15 -9.61 3.04
N PRO A 149 -8.01 -10.31 3.18
CA PRO A 149 -7.27 -10.07 4.42
C PRO A 149 -6.98 -8.60 4.68
N TYR A 150 -6.60 -7.84 3.65
CA TYR A 150 -6.38 -6.42 3.82
C TYR A 150 -7.64 -5.65 4.13
N GLY A 151 -8.67 -5.92 3.35
CA GLY A 151 -9.83 -5.03 3.32
C GLY A 151 -10.65 -5.22 4.58
N GLN A 152 -10.93 -6.47 4.90
CA GLN A 152 -11.60 -6.77 6.17
C GLN A 152 -10.71 -6.40 7.38
N GLY A 153 -9.40 -6.65 7.28
CA GLY A 153 -8.49 -6.28 8.36
C GLY A 153 -8.51 -4.81 8.73
N LEU A 154 -8.44 -3.94 7.73
CA LEU A 154 -8.47 -2.51 7.98
C LEU A 154 -9.85 -2.07 8.49
N ALA A 155 -10.92 -2.61 7.89
CA ALA A 155 -12.27 -2.27 8.34
C ALA A 155 -12.48 -2.69 9.79
N ASP A 156 -11.83 -3.79 10.19
CA ASP A 156 -11.94 -4.28 11.58
C ASP A 156 -11.14 -3.41 12.53
N GLU A 157 -9.93 -3.02 12.13
CA GLU A 157 -9.12 -2.11 12.95
C GLU A 157 -9.81 -0.75 13.09
N THR A 158 -10.50 -0.34 12.04
CA THR A 158 -11.19 0.94 12.05
C THR A 158 -12.43 0.85 12.94
N LYS A 159 -13.20 -0.22 12.77
CA LYS A 159 -14.36 -0.49 13.61
C LYS A 159 -13.95 -0.60 15.09
N LYS A 160 -12.90 -1.36 15.36
CA LYS A 160 -12.42 -1.50 16.73
C LYS A 160 -12.17 -0.13 17.34
N ALA A 161 -11.43 0.70 16.63
CA ALA A 161 -11.02 2.00 17.16
C ALA A 161 -12.23 2.93 17.31
N ALA A 162 -13.11 2.89 16.33
CA ALA A 162 -14.29 3.75 16.34
C ALA A 162 -15.25 3.33 17.46
N ASN A 163 -15.72 2.08 17.41
CA ASN A 163 -16.49 1.47 18.50
C ASN A 163 -16.04 1.90 19.89
N ALA A 164 -14.73 1.94 20.07
CA ALA A 164 -14.10 2.27 21.34
C ALA A 164 -14.19 3.75 21.68
N ALA A 165 -13.99 4.61 20.67
CA ALA A 165 -14.04 6.05 20.89
C ALA A 165 -15.49 6.57 20.98
N GLY A 166 -16.46 5.70 20.78
CA GLY A 166 -17.86 6.07 20.93
C GLY A 166 -18.73 5.90 19.70
N VAL A 167 -18.11 5.64 18.56
CA VAL A 167 -18.85 5.54 17.30
C VAL A 167 -19.26 4.10 17.00
N THR A 168 -20.56 3.89 16.86
CA THR A 168 -21.09 2.55 16.61
C THR A 168 -21.74 2.45 15.24
N GLU A 169 -21.06 1.77 14.32
CA GLU A 169 -21.55 1.64 12.95
C GLU A 169 -22.96 1.06 12.91
N VAL A 170 -23.73 1.40 11.89
CA VAL A 170 -25.11 0.95 11.80
C VAL A 170 -25.20 -0.25 10.89
N MET A 171 -24.11 -0.51 10.17
CA MET A 171 -24.04 -1.62 9.24
C MET A 171 -22.58 -2.07 9.14
N TYR A 172 -22.38 -3.36 8.92
CA TYR A 172 -21.07 -3.94 8.71
C TYR A 172 -21.30 -5.05 7.71
N GLU A 173 -20.78 -4.84 6.50
CA GLU A 173 -21.08 -5.73 5.37
C GLU A 173 -19.83 -5.94 4.55
N GLY A 174 -19.71 -7.12 3.96
CA GLY A 174 -18.66 -7.45 3.01
C GLY A 174 -19.21 -7.58 1.62
N VAL A 175 -18.41 -7.13 0.65
CA VAL A 175 -18.68 -7.35 -0.75
C VAL A 175 -17.50 -8.10 -1.38
N ASN A 176 -17.71 -8.62 -2.58
CA ASN A 176 -16.71 -9.45 -3.22
C ASN A 176 -15.93 -8.65 -4.27
N VAL A 177 -14.61 -8.82 -4.27
CA VAL A 177 -13.78 -8.19 -5.28
C VAL A 177 -14.23 -8.62 -6.68
N GLY A 178 -14.38 -7.67 -7.59
CA GLY A 178 -14.94 -7.96 -8.90
C GLY A 178 -16.44 -7.69 -9.01
N ASP A 179 -17.15 -7.61 -7.88
CA ASP A 179 -18.58 -7.27 -7.94
C ASP A 179 -18.74 -5.91 -8.61
N LYS A 180 -19.78 -5.73 -9.42
CA LYS A 180 -19.95 -4.46 -10.13
C LYS A 180 -21.24 -3.73 -9.77
N ASP A 181 -22.16 -4.42 -9.09
CA ASP A 181 -23.49 -3.88 -8.82
C ASP A 181 -23.70 -3.82 -7.30
N PHE A 182 -23.71 -2.60 -6.77
CA PHE A 182 -23.88 -2.41 -5.33
C PHE A 182 -25.25 -1.81 -4.97
N SER A 183 -26.19 -1.88 -5.90
CA SER A 183 -27.52 -1.31 -5.69
C SER A 183 -28.20 -1.82 -4.42
N ALA A 184 -28.17 -3.13 -4.20
CA ALA A 184 -28.81 -3.69 -3.02
C ALA A 184 -28.19 -3.12 -1.75
N LEU A 185 -26.87 -3.16 -1.65
CA LEU A 185 -26.20 -2.59 -0.49
C LEU A 185 -26.54 -1.11 -0.39
N ILE A 186 -26.47 -0.40 -1.50
CA ILE A 186 -26.76 1.02 -1.47
C ILE A 186 -28.22 1.26 -1.01
N SER A 187 -29.16 0.47 -1.54
CA SER A 187 -30.55 0.57 -1.10
C SER A 187 -30.66 0.26 0.40
N LYS A 188 -29.88 -0.71 0.86
CA LYS A 188 -29.82 -0.97 2.30
C LYS A 188 -29.27 0.24 3.06
N MET A 189 -28.19 0.85 2.56
CA MET A 189 -27.60 1.97 3.30
C MET A 189 -28.53 3.18 3.39
N LYS A 190 -29.30 3.41 2.34
CA LYS A 190 -30.28 4.51 2.34
C LYS A 190 -31.35 4.34 3.42
N GLU A 191 -31.86 3.12 3.57
CA GLU A 191 -32.86 2.85 4.59
C GLU A 191 -32.27 3.13 5.95
N ALA A 192 -30.98 2.82 6.09
CA ALA A 192 -30.29 2.93 7.37
C ALA A 192 -29.93 4.38 7.74
N GLY A 193 -30.09 5.31 6.81
CA GLY A 193 -29.77 6.71 7.07
C GLY A 193 -28.27 7.00 7.00
N VAL A 194 -27.55 6.11 6.34
CA VAL A 194 -26.09 6.23 6.26
C VAL A 194 -25.61 7.55 5.65
N SER A 195 -24.77 8.28 6.38
CA SER A 195 -24.15 9.50 5.85
C SER A 195 -22.62 9.39 5.73
N ILE A 196 -22.07 8.29 6.21
CA ILE A 196 -20.63 8.01 6.06
C ILE A 196 -20.44 6.54 5.71
N ILE A 197 -19.69 6.27 4.63
CA ILE A 197 -19.37 4.92 4.20
C ILE A 197 -17.89 4.70 4.41
N TYR A 198 -17.54 3.82 5.33
CA TYR A 198 -16.12 3.50 5.52
C TYR A 198 -15.82 2.22 4.76
N TRP A 199 -14.87 2.33 3.83
CA TRP A 199 -14.52 1.26 2.90
C TRP A 199 -13.11 0.72 3.21
N GLY A 200 -13.05 -0.51 3.68
CA GLY A 200 -11.77 -1.22 3.74
C GLY A 200 -11.63 -2.02 2.45
N GLY A 201 -10.89 -1.49 1.47
CA GLY A 201 -10.65 -2.20 0.22
C GLY A 201 -9.92 -1.30 -0.78
N LEU A 202 -9.97 -1.64 -2.06
CA LEU A 202 -9.16 -0.95 -3.09
C LEU A 202 -9.98 0.01 -3.92
N HIS A 203 -9.35 0.64 -4.92
CA HIS A 203 -9.99 1.78 -5.58
C HIS A 203 -11.09 1.40 -6.55
N THR A 204 -10.94 0.23 -7.20
CA THR A 204 -11.94 -0.21 -8.18
C THR A 204 -13.33 -0.26 -7.54
N GLU A 205 -13.48 -1.07 -6.50
CA GLU A 205 -14.78 -1.20 -5.85
C GLU A 205 -15.22 0.11 -5.21
N ALA A 206 -14.24 0.84 -4.66
CA ALA A 206 -14.50 2.14 -4.03
C ALA A 206 -15.12 3.13 -5.01
N GLY A 207 -14.56 3.22 -6.21
CA GLY A 207 -15.05 4.13 -7.23
C GLY A 207 -16.44 3.79 -7.73
N LEU A 208 -16.74 2.50 -7.81
CA LEU A 208 -18.08 2.06 -8.22
C LEU A 208 -19.10 2.41 -7.12
N ILE A 209 -18.73 2.21 -5.87
CA ILE A 209 -19.64 2.54 -4.78
C ILE A 209 -19.96 4.04 -4.75
N ILE A 210 -18.91 4.86 -4.88
CA ILE A 210 -19.09 6.29 -5.00
C ILE A 210 -20.02 6.63 -6.16
N ARG A 211 -19.76 6.06 -7.34
CA ARG A 211 -20.52 6.40 -8.54
C ARG A 211 -21.98 6.05 -8.33
N GLN A 212 -22.24 4.77 -8.09
CA GLN A 212 -23.61 4.31 -7.90
C GLN A 212 -24.32 4.97 -6.70
N ALA A 213 -23.62 5.19 -5.60
CA ALA A 213 -24.22 5.89 -4.46
C ALA A 213 -24.83 7.24 -4.85
N ALA A 214 -24.08 8.05 -5.59
CA ALA A 214 -24.55 9.34 -6.06
C ALA A 214 -25.76 9.18 -6.97
N ASP A 215 -25.68 8.22 -7.88
CA ASP A 215 -26.76 7.97 -8.84
C ASP A 215 -28.06 7.53 -8.18
N GLN A 216 -27.97 6.83 -7.05
CA GLN A 216 -29.16 6.42 -6.29
C GLN A 216 -29.60 7.44 -5.25
N GLY A 217 -28.90 8.57 -5.17
CA GLY A 217 -29.30 9.62 -4.26
C GLY A 217 -28.92 9.40 -2.81
N LEU A 218 -28.06 8.41 -2.55
CA LEU A 218 -27.49 8.26 -1.23
C LEU A 218 -26.47 9.35 -1.04
N LYS A 219 -26.80 10.31 -0.20
CA LYS A 219 -25.87 11.37 0.13
C LYS A 219 -25.01 10.89 1.29
N ALA A 220 -23.89 10.26 0.95
CA ALA A 220 -22.95 9.78 1.95
C ALA A 220 -21.55 10.02 1.45
N LYS A 221 -20.67 10.37 2.37
CA LYS A 221 -19.24 10.51 2.11
C LYS A 221 -18.51 9.15 2.26
N LEU A 222 -17.63 8.82 1.34
CA LEU A 222 -16.80 7.64 1.50
C LEU A 222 -15.48 8.03 2.16
N VAL A 223 -15.10 7.28 3.21
CA VAL A 223 -13.82 7.42 3.89
C VAL A 223 -13.10 6.08 3.77
N SER A 224 -11.86 6.08 3.31
CA SER A 224 -11.17 4.82 3.12
C SER A 224 -9.72 4.97 3.49
N GLY A 225 -8.91 4.03 3.02
CA GLY A 225 -7.50 4.07 3.35
C GLY A 225 -6.58 4.03 2.14
N ASP A 226 -5.39 3.48 2.35
CA ASP A 226 -4.32 3.53 1.38
C ASP A 226 -4.64 2.87 0.03
N GLY A 227 -5.61 1.95 0.01
CA GLY A 227 -5.93 1.25 -1.23
C GLY A 227 -6.63 2.08 -2.29
N ILE A 228 -7.01 3.32 -1.98
CA ILE A 228 -7.72 4.11 -2.99
C ILE A 228 -6.85 5.22 -3.56
N VAL A 229 -5.57 5.22 -3.22
CA VAL A 229 -4.64 6.27 -3.64
CA VAL A 229 -4.68 6.31 -3.68
C VAL A 229 -4.06 6.03 -5.04
N SER A 230 -4.93 5.96 -6.05
CA SER A 230 -4.46 5.93 -7.42
C SER A 230 -5.34 6.86 -8.24
N ASN A 231 -4.73 7.52 -9.21
CA ASN A 231 -5.46 8.54 -9.97
C ASN A 231 -6.58 7.99 -10.85
N GLU A 232 -6.74 6.67 -10.89
CA GLU A 232 -7.81 6.07 -11.66
C GLU A 232 -9.15 6.23 -10.94
N LEU A 233 -9.12 6.47 -9.63
CA LEU A 233 -10.36 6.55 -8.88
C LEU A 233 -11.28 7.63 -9.45
N ALA A 234 -10.69 8.78 -9.77
CA ALA A 234 -11.45 9.89 -10.33
C ALA A 234 -12.24 9.47 -11.58
N SER A 235 -11.64 8.62 -12.42
CA SER A 235 -12.32 8.14 -13.64
C SER A 235 -13.44 7.15 -13.31
N ILE A 236 -13.07 6.09 -12.60
CA ILE A 236 -14.06 5.13 -12.11
C ILE A 236 -15.22 5.83 -11.40
N ALA A 237 -14.91 6.66 -10.42
CA ALA A 237 -15.94 7.27 -9.59
C ALA A 237 -16.71 8.40 -10.26
N GLY A 238 -16.02 9.17 -11.11
CA GLY A 238 -16.61 10.37 -11.66
C GLY A 238 -16.52 11.53 -10.70
N ASP A 239 -17.25 12.61 -10.98
CA ASP A 239 -17.15 13.86 -10.22
C ASP A 239 -17.66 13.69 -8.80
N ALA A 240 -18.41 12.62 -8.57
CA ALA A 240 -18.87 12.26 -7.24
C ALA A 240 -17.70 11.99 -6.29
N VAL A 241 -16.51 11.78 -6.84
CA VAL A 241 -15.32 11.52 -6.01
C VAL A 241 -15.01 12.71 -5.08
N GLU A 242 -15.49 13.89 -5.44
CA GLU A 242 -15.19 15.07 -4.65
C GLU A 242 -15.62 14.91 -3.19
N GLY A 243 -14.69 15.14 -2.26
CA GLY A 243 -15.00 15.13 -0.84
C GLY A 243 -14.73 13.79 -0.19
N THR A 244 -14.40 12.78 -1.00
CA THR A 244 -13.99 11.49 -0.49
C THR A 244 -12.79 11.72 0.43
N LEU A 245 -12.65 10.90 1.49
CA LEU A 245 -11.52 11.00 2.42
C LEU A 245 -10.73 9.71 2.45
N ASN A 246 -9.42 9.79 2.67
CA ASN A 246 -8.69 8.55 2.91
C ASN A 246 -7.40 8.81 3.66
N THR A 247 -6.98 7.80 4.42
CA THR A 247 -5.69 7.85 5.09
C THR A 247 -4.57 7.33 4.19
N PHE A 248 -3.37 7.81 4.47
CA PHE A 248 -2.15 7.39 3.75
C PHE A 248 -0.99 8.08 4.46
N GLY A 249 0.23 7.60 4.25
CA GLY A 249 1.41 8.32 4.72
C GLY A 249 1.47 9.70 4.11
N PRO A 250 2.32 10.58 4.64
CA PRO A 250 2.60 11.88 4.02
C PRO A 250 3.12 11.66 2.59
N ASP A 251 2.64 12.43 1.62
CA ASP A 251 3.00 12.18 0.23
C ASP A 251 4.51 12.37 0.00
N PRO A 252 5.24 11.28 -0.30
CA PRO A 252 6.71 11.41 -0.41
C PRO A 252 7.11 12.28 -1.58
N THR A 253 6.19 12.53 -2.50
CA THR A 253 6.58 13.27 -3.69
C THR A 253 6.61 14.74 -3.34
N LEU A 254 6.09 15.05 -2.14
CA LEU A 254 6.03 16.42 -1.67
C LEU A 254 7.24 16.74 -0.78
N ARG A 255 8.07 15.73 -0.54
CA ARG A 255 9.31 15.96 0.22
C ARG A 255 10.28 16.78 -0.60
N PRO A 256 10.68 17.96 -0.08
CA PRO A 256 11.65 18.80 -0.79
C PRO A 256 12.86 18.00 -1.26
N GLU A 257 13.41 17.14 -0.39
CA GLU A 257 14.56 16.30 -0.71
C GLU A 257 14.37 15.41 -1.93
N ASN A 258 13.13 15.14 -2.31
CA ASN A 258 12.87 14.26 -3.44
C ASN A 258 12.68 15.03 -4.74
N LYS A 259 12.66 16.35 -4.65
CA LYS A 259 12.41 17.21 -5.80
C LYS A 259 13.09 16.74 -7.09
N GLU A 260 14.40 16.52 -7.07
CA GLU A 260 15.11 16.15 -8.29
C GLU A 260 14.70 14.76 -8.78
N LEU A 261 14.51 13.84 -7.83
CA LEU A 261 14.11 12.47 -8.15
C LEU A 261 12.72 12.45 -8.79
N VAL A 262 11.79 13.20 -8.21
CA VAL A 262 10.44 13.29 -8.75
C VAL A 262 10.51 13.82 -10.17
N GLU A 263 11.30 14.88 -10.37
CA GLU A 263 11.43 15.50 -11.69
C GLU A 263 12.02 14.55 -12.73
N LYS A 264 12.93 13.68 -12.29
CA LYS A 264 13.50 12.66 -13.16
C LYS A 264 12.45 11.64 -13.64
N PHE A 265 11.65 11.12 -12.71
CA PHE A 265 10.55 10.23 -13.10
C PHE A 265 9.65 10.92 -14.12
N LYS A 266 9.33 12.18 -13.85
CA LYS A 266 8.37 12.91 -14.68
C LYS A 266 8.93 13.18 -16.07
N ALA A 267 10.24 13.34 -16.14
CA ALA A 267 10.91 13.59 -17.41
C ALA A 267 10.86 12.32 -18.25
N ALA A 268 10.72 11.19 -17.55
CA ALA A 268 10.66 9.89 -18.19
C ALA A 268 9.22 9.55 -18.54
N GLY A 269 8.32 10.44 -18.19
CA GLY A 269 6.92 10.27 -18.53
C GLY A 269 6.11 9.48 -17.52
N PHE A 270 6.68 9.23 -16.35
CA PHE A 270 5.94 8.53 -15.31
C PHE A 270 5.70 9.43 -14.11
N ASN A 271 4.45 9.50 -13.66
CA ASN A 271 4.12 10.22 -12.44
C ASN A 271 4.34 9.34 -11.24
N PRO A 272 5.40 9.61 -10.46
CA PRO A 272 5.81 8.68 -9.40
C PRO A 272 4.96 8.85 -8.15
N GLU A 273 3.64 8.79 -8.30
CA GLU A 273 2.75 8.97 -7.16
C GLU A 273 2.71 7.76 -6.22
N ALA A 274 2.23 8.03 -5.01
CA ALA A 274 1.81 7.01 -4.06
C ALA A 274 2.93 6.06 -3.70
N TYR A 275 2.85 4.81 -4.17
CA TYR A 275 3.76 3.76 -3.68
C TYR A 275 5.10 3.71 -4.47
N THR A 276 5.23 4.57 -5.47
CA THR A 276 6.41 4.57 -6.33
C THR A 276 7.66 4.77 -5.49
N LEU A 277 7.64 5.77 -4.61
CA LEU A 277 8.83 6.05 -3.79
C LEU A 277 8.96 5.12 -2.60
N TYR A 278 7.85 4.50 -2.17
CA TYR A 278 7.93 3.52 -1.10
C TYR A 278 8.71 2.33 -1.60
N SER A 279 8.53 2.03 -2.88
CA SER A 279 9.24 0.93 -3.53
C SER A 279 10.71 1.30 -3.79
N TYR A 280 10.94 2.52 -4.27
CA TYR A 280 12.30 3.02 -4.47
C TYR A 280 13.04 2.84 -3.17
N ALA A 281 12.41 3.26 -2.08
CA ALA A 281 13.00 3.21 -0.74
C ALA A 281 13.28 1.79 -0.24
N ALA A 282 12.42 0.83 -0.59
CA ALA A 282 12.63 -0.55 -0.24
C ALA A 282 13.99 -0.96 -0.76
N MET A 283 14.27 -0.55 -1.99
CA MET A 283 15.53 -0.86 -2.67
C MET A 283 16.70 -0.13 -2.00
N GLN A 284 16.48 1.13 -1.63
CA GLN A 284 17.52 1.89 -0.93
C GLN A 284 17.90 1.16 0.34
N ALA A 285 16.90 0.69 1.09
CA ALA A 285 17.12 0.03 2.38
C ALA A 285 17.93 -1.25 2.28
N ILE A 286 17.64 -2.07 1.29
CA ILE A 286 18.40 -3.30 1.06
C ILE A 286 19.87 -2.90 0.87
N ALA A 287 20.11 -1.95 -0.02
CA ALA A 287 21.46 -1.52 -0.33
C ALA A 287 22.17 -0.95 0.90
N GLY A 288 21.47 -0.10 1.66
CA GLY A 288 21.99 0.48 2.88
C GLY A 288 22.32 -0.55 3.95
N ALA A 289 21.45 -1.55 4.11
CA ALA A 289 21.67 -2.61 5.09
C ALA A 289 22.81 -3.54 4.70
N ALA A 290 22.89 -3.87 3.41
CA ALA A 290 23.94 -4.77 2.92
C ALA A 290 25.30 -4.15 3.14
N LYS A 291 25.37 -2.83 2.99
CA LYS A 291 26.63 -2.13 3.17
C LYS A 291 27.01 -2.13 4.64
N ALA A 292 26.05 -1.76 5.49
CA ALA A 292 26.22 -1.83 6.94
C ALA A 292 26.62 -3.25 7.38
N ALA A 293 26.10 -4.26 6.69
CA ALA A 293 26.33 -5.65 7.07
C ALA A 293 27.57 -6.25 6.44
N GLY A 294 28.16 -5.55 5.47
CA GLY A 294 29.29 -6.09 4.73
C GLY A 294 28.98 -7.39 4.02
N SER A 295 27.72 -7.58 3.62
CA SER A 295 27.26 -8.87 3.09
C SER A 295 26.01 -8.70 2.23
N VAL A 296 25.83 -9.58 1.23
CA VAL A 296 24.59 -9.59 0.43
C VAL A 296 23.75 -10.85 0.67
N GLU A 297 24.16 -11.61 1.69
CA GLU A 297 23.38 -12.76 2.16
C GLU A 297 22.08 -12.27 2.80
N PRO A 298 20.91 -12.73 2.30
CA PRO A 298 19.67 -12.16 2.85
C PRO A 298 19.53 -12.22 4.38
N GLU A 299 19.88 -13.33 5.00
CA GLU A 299 19.73 -13.44 6.45
C GLU A 299 20.54 -12.37 7.18
N LYS A 300 21.72 -12.04 6.64
CA LYS A 300 22.59 -11.06 7.26
C LYS A 300 22.11 -9.63 7.05
N VAL A 301 21.63 -9.35 5.83
CA VAL A 301 21.05 -8.05 5.50
C VAL A 301 19.82 -7.78 6.37
N ALA A 302 19.03 -8.83 6.60
CA ALA A 302 17.86 -8.74 7.47
C ALA A 302 18.27 -8.31 8.89
N GLU A 303 19.31 -8.94 9.41
CA GLU A 303 19.80 -8.53 10.74
C GLU A 303 20.27 -7.09 10.71
N ALA A 304 20.88 -6.67 9.60
CA ALA A 304 21.36 -5.30 9.42
C ALA A 304 20.21 -4.26 9.44
N LEU A 305 19.13 -4.58 8.73
CA LEU A 305 17.97 -3.69 8.73
C LEU A 305 17.41 -3.46 10.14
N LYS A 306 17.35 -4.51 10.94
CA LYS A 306 16.77 -4.40 12.29
C LYS A 306 17.67 -3.58 13.22
N LYS A 307 18.96 -3.61 12.93
CA LYS A 307 19.94 -2.88 13.73
C LYS A 307 20.16 -1.44 13.22
N GLY A 308 20.42 -1.29 11.93
CA GLY A 308 20.82 0.00 11.38
C GLY A 308 19.73 1.00 11.05
N SER A 309 20.15 2.13 10.47
CA SER A 309 19.23 3.15 9.99
C SER A 309 19.77 3.71 8.68
N PHE A 310 18.87 4.06 7.76
CA PHE A 310 19.29 4.30 6.39
C PHE A 310 18.52 5.44 5.75
N PRO A 311 19.24 6.30 5.01
CA PRO A 311 18.67 7.38 4.21
C PRO A 311 17.83 6.81 3.07
N THR A 312 16.60 7.29 2.94
CA THR A 312 15.77 6.86 1.82
C THR A 312 14.94 8.00 1.28
N ALA A 313 14.30 7.76 0.14
CA ALA A 313 13.33 8.69 -0.41
C ALA A 313 12.19 8.99 0.56
N LEU A 314 12.01 8.15 1.59
CA LEU A 314 10.95 8.39 2.58
C LEU A 314 11.47 9.09 3.83
N GLY A 315 12.77 9.35 3.87
CA GLY A 315 13.42 9.85 5.07
C GLY A 315 14.36 8.81 5.70
N GLU A 316 14.85 9.11 6.89
CA GLU A 316 15.70 8.20 7.63
C GLU A 316 14.86 7.02 8.10
N ILE A 317 15.18 5.84 7.59
CA ILE A 317 14.39 4.66 7.86
C ILE A 317 15.11 3.71 8.82
N SER A 318 14.38 3.26 9.84
CA SER A 318 14.86 2.20 10.72
C SER A 318 13.74 1.16 10.87
N PHE A 319 14.05 0.02 11.48
CA PHE A 319 13.07 -1.06 11.56
C PHE A 319 13.02 -1.61 12.97
N ASP A 320 11.86 -2.03 13.44
CA ASP A 320 11.84 -2.69 14.75
C ASP A 320 12.12 -4.17 14.60
N GLU A 321 11.96 -4.92 15.69
CA GLU A 321 12.35 -6.32 15.73
C GLU A 321 11.51 -7.24 14.83
N LYS A 322 10.38 -6.72 14.35
CA LYS A 322 9.46 -7.51 13.54
C LYS A 322 9.63 -7.19 12.06
N GLY A 323 10.34 -6.10 11.79
CA GLY A 323 10.60 -5.69 10.43
C GLY A 323 9.80 -4.47 10.02
N ASP A 324 9.07 -3.87 10.96
CA ASP A 324 8.21 -2.72 10.67
C ASP A 324 9.01 -1.41 10.71
N PRO A 325 8.74 -0.50 9.78
CA PRO A 325 9.54 0.72 9.71
C PRO A 325 9.12 1.75 10.76
N LYS A 326 10.06 2.53 11.24
CA LYS A 326 9.74 3.65 12.13
C LYS A 326 9.73 4.95 11.30
N LEU A 327 8.53 5.36 10.90
CA LEU A 327 8.36 6.49 9.99
C LEU A 327 7.14 7.33 10.39
N PRO A 328 6.92 8.48 9.73
CA PRO A 328 5.79 9.35 10.07
C PRO A 328 4.48 8.62 9.82
N GLY A 329 3.54 8.75 10.74
CA GLY A 329 2.28 8.00 10.66
C GLY A 329 1.28 8.44 9.61
N TYR A 330 0.14 7.76 9.61
CA TYR A 330 -0.93 8.03 8.67
C TYR A 330 -1.62 9.39 8.90
N VAL A 331 -1.93 10.07 7.79
CA VAL A 331 -2.65 11.35 7.84
C VAL A 331 -3.86 11.25 6.93
N MET A 332 -4.79 12.18 7.07
CA MET A 332 -6.03 12.13 6.29
C MET A 332 -5.92 12.99 5.02
N TYR A 333 -6.44 12.47 3.91
CA TYR A 333 -6.45 13.20 2.66
C TYR A 333 -7.89 13.43 2.23
N GLU A 334 -8.11 14.49 1.48
CA GLU A 334 -9.40 14.77 0.88
C GLU A 334 -9.23 14.85 -0.63
N TRP A 335 -10.23 14.41 -1.36
CA TRP A 335 -10.22 14.50 -2.80
C TRP A 335 -10.81 15.81 -3.26
N LYS A 336 -9.99 16.64 -3.90
CA LYS A 336 -10.43 17.94 -4.39
C LYS A 336 -9.84 18.21 -5.77
N LYS A 337 -10.33 19.26 -6.43
CA LYS A 337 -9.78 19.64 -7.72
C LYS A 337 -8.39 20.25 -7.59
N GLY A 338 -7.45 19.74 -8.38
CA GLY A 338 -6.13 20.31 -8.44
C GLY A 338 -6.05 21.43 -9.47
N PRO A 339 -4.86 22.06 -9.59
CA PRO A 339 -4.61 23.11 -10.57
C PRO A 339 -5.18 22.76 -11.96
N ASP A 340 -4.83 21.57 -12.45
CA ASP A 340 -5.30 21.08 -13.74
C ASP A 340 -6.82 20.91 -13.81
N GLY A 341 -7.48 20.93 -12.65
CA GLY A 341 -8.93 20.91 -12.61
C GLY A 341 -9.53 19.54 -12.39
N LYS A 342 -8.67 18.53 -12.27
CA LYS A 342 -9.13 17.17 -12.02
C LYS A 342 -8.93 16.80 -10.56
N PHE A 343 -9.78 15.92 -10.07
CA PHE A 343 -9.78 15.52 -8.66
C PHE A 343 -8.61 14.64 -8.28
N THR A 344 -7.92 15.01 -7.20
CA THR A 344 -6.86 14.17 -6.67
C THR A 344 -6.83 14.27 -5.16
N TYR A 345 -5.95 13.51 -4.52
CA TYR A 345 -5.92 13.46 -3.07
C TYR A 345 -4.90 14.45 -2.49
N ILE A 346 -5.36 15.30 -1.58
CA ILE A 346 -4.48 16.25 -0.93
C ILE A 346 -4.60 16.12 0.58
N GLN A 347 -3.48 16.19 1.27
CA GLN A 347 -3.50 16.08 2.71
C GLN A 347 -4.25 17.26 3.29
N GLN A 348 -5.03 17.01 4.33
CA GLN A 348 -5.80 18.06 4.97
C GLN A 348 -4.91 18.99 5.79
N VAL B . -2.38 -2.04 1.90
CA VAL B . -3.12 -2.84 0.92
C VAL B . -2.92 -4.32 1.23
O VAL B . -3.40 -5.23 0.54
CB VAL B . -2.67 -2.51 -0.53
CG1 VAL B . -2.92 -3.67 -1.47
CG2 VAL B . -3.37 -1.28 -1.01
OXT VAL B . -2.20 -4.61 2.19
CA CA C . -5.42 -8.66 0.65
CA CA D . 15.72 -0.98 15.31
#